data_4UMN
#
_entry.id   4UMN
#
_cell.length_a   39.076
_cell.length_b   65.674
_cell.length_c   105.683
_cell.angle_alpha   90.00
_cell.angle_beta   90.00
_cell.angle_gamma   90.00
#
_symmetry.space_group_name_H-M   'P 2 21 21'
#
loop_
_entity.id
_entity.type
_entity.pdbx_description
1 polymer 'E3 ubiquitin-protein ligase Mdm2'
2 polymer M06
3 water water
#
loop_
_entity_poly.entity_id
_entity_poly.type
_entity_poly.pdbx_seq_one_letter_code
_entity_poly.pdbx_strand_id
1 'polypeptide(L)'
;MSVPTDGAVTTSQIPASEQETLVRPKPLLLKLLKSVGAQKDTYTMKEVLFYLGQYIATKRLYDEKQQHIVYCSNDLLGDL
FGVPSFSVKEHRKIYTMIYRNLVVVNQQESSDSGTSVSEN
;
A,B
2 'polypeptide(L)' (ACE)TSF(0EH)EYWYLL(MK8)(NH2) C,D
#
loop_
_chem_comp.id
_chem_comp.type
_chem_comp.name
_chem_comp.formula
ACE non-polymer 'ACETYL GROUP' 'C2 H4 O'
NH2 non-polymer 'AMINO GROUP' 'H2 N'
#
# COMPACT_ATOMS: atom_id res chain seq x y z
N GLN A 13 -14.99 -0.82 1.18
CA GLN A 13 -16.08 -1.08 0.20
C GLN A 13 -16.70 0.22 -0.30
N ILE A 14 -15.91 1.04 -0.98
CA ILE A 14 -16.42 2.23 -1.67
C ILE A 14 -16.99 1.80 -3.03
N PRO A 15 -18.28 2.08 -3.29
CA PRO A 15 -18.93 1.69 -4.55
C PRO A 15 -18.17 2.12 -5.81
N ALA A 16 -18.31 1.33 -6.88
CA ALA A 16 -17.66 1.61 -8.17
C ALA A 16 -17.89 3.04 -8.65
N SER A 17 -19.13 3.51 -8.53
CA SER A 17 -19.47 4.89 -8.89
C SER A 17 -18.71 5.89 -8.02
N GLU A 18 -18.66 5.66 -6.71
CA GLU A 18 -17.94 6.55 -5.78
C GLU A 18 -16.43 6.57 -6.00
N GLN A 19 -15.88 5.45 -6.46
CA GLN A 19 -14.43 5.34 -6.71
C GLN A 19 -13.92 6.44 -7.63
N GLU A 20 -14.68 6.74 -8.68
CA GLU A 20 -14.27 7.71 -9.71
C GLU A 20 -14.79 9.12 -9.45
N THR A 21 -15.44 9.33 -8.29
CA THR A 21 -15.90 10.66 -7.90
C THR A 21 -14.71 11.61 -7.74
N LEU A 22 -14.79 12.76 -8.41
CA LEU A 22 -13.70 13.73 -8.41
C LEU A 22 -13.79 14.65 -7.19
N VAL A 23 -12.67 14.81 -6.49
CA VAL A 23 -12.64 15.55 -5.23
C VAL A 23 -11.44 16.49 -5.15
N ARG A 24 -11.57 17.54 -4.34
CA ARG A 24 -10.49 18.48 -4.10
C ARG A 24 -10.15 18.46 -2.62
N PRO A 25 -9.03 17.81 -2.25
CA PRO A 25 -8.60 17.77 -0.85
C PRO A 25 -8.39 19.15 -0.25
N LYS A 26 -8.84 19.34 0.99
CA LYS A 26 -8.60 20.56 1.74
C LYS A 26 -7.11 20.65 2.11
N PRO A 27 -6.65 21.81 2.60
CA PRO A 27 -5.19 22.04 2.75
C PRO A 27 -4.40 20.97 3.51
N LEU A 28 -4.87 20.53 4.67
CA LEU A 28 -4.13 19.54 5.47
C LEU A 28 -4.01 18.21 4.74
N LEU A 29 -5.12 17.71 4.22
CA LEU A 29 -5.12 16.47 3.45
C LEU A 29 -4.24 16.57 2.20
N LEU A 30 -4.32 17.70 1.50
CA LEU A 30 -3.49 17.93 0.31
C LEU A 30 -2.00 17.89 0.68
N LYS A 31 -1.65 18.52 1.80
CA LYS A 31 -0.27 18.48 2.31
C LYS A 31 0.18 17.04 2.57
N LEU A 32 -0.69 16.25 3.18
CA LEU A 32 -0.40 14.85 3.44
C LEU A 32 -0.12 14.09 2.14
N LEU A 33 -0.99 14.27 1.15
CA LEU A 33 -0.89 13.54 -0.12
C LEU A 33 0.39 13.92 -0.87
N LYS A 34 0.70 15.22 -0.91
CA LYS A 34 1.90 15.68 -1.59
C LYS A 34 3.18 15.23 -0.89
N SER A 35 3.12 14.97 0.41
CA SER A 35 4.30 14.51 1.17
C SER A 35 4.78 13.12 0.72
N VAL A 36 3.90 12.36 0.06
CA VAL A 36 4.30 11.07 -0.53
C VAL A 36 4.23 11.07 -2.06
N GLY A 37 4.37 12.26 -2.65
CA GLY A 37 4.58 12.39 -4.09
C GLY A 37 3.39 12.71 -4.97
N ALA A 38 2.22 12.92 -4.37
CA ALA A 38 1.05 13.37 -5.13
C ALA A 38 1.33 14.79 -5.63
N GLN A 39 0.91 15.10 -6.85
CA GLN A 39 1.34 16.34 -7.50
C GLN A 39 0.22 17.08 -8.25
N LYS A 40 -1.00 16.99 -7.75
CA LYS A 40 -2.11 17.76 -8.31
C LYS A 40 -3.08 18.20 -7.21
N ASP A 41 -4.05 19.02 -7.58
CA ASP A 41 -5.06 19.52 -6.64
C ASP A 41 -6.35 18.72 -6.70
N THR A 42 -6.57 18.00 -7.80
CA THR A 42 -7.81 17.28 -8.02
C THR A 42 -7.54 15.78 -8.17
N TYR A 43 -8.33 14.95 -7.49
CA TYR A 43 -8.15 13.49 -7.49
C TYR A 43 -9.48 12.76 -7.52
N THR A 44 -9.45 11.50 -7.94
CA THR A 44 -10.59 10.61 -7.70
C THR A 44 -10.50 10.14 -6.26
N MET A 45 -11.63 9.70 -5.70
CA MET A 45 -11.62 9.10 -4.36
C MET A 45 -10.64 7.94 -4.27
N LYS A 46 -10.64 7.09 -5.30
CA LYS A 46 -9.72 5.96 -5.40
C LYS A 46 -8.25 6.39 -5.22
N GLU A 47 -7.87 7.46 -5.91
CA GLU A 47 -6.50 8.01 -5.83
C GLU A 47 -6.17 8.54 -4.44
N VAL A 48 -7.14 9.20 -3.80
CA VAL A 48 -6.95 9.67 -2.44
C VAL A 48 -6.68 8.48 -1.51
N LEU A 49 -7.47 7.42 -1.66
CA LEU A 49 -7.30 6.23 -0.84
C LEU A 49 -5.97 5.51 -1.12
N PHE A 50 -5.55 5.51 -2.39
CA PHE A 50 -4.23 4.97 -2.75
C PHE A 50 -3.13 5.69 -1.98
N TYR A 51 -3.07 7.01 -2.14
CA TYR A 51 -2.00 7.80 -1.54
C TYR A 51 -2.04 7.81 -0.01
N LEU A 52 -3.25 7.79 0.55
CA LEU A 52 -3.42 7.77 1.99
C LEU A 52 -2.93 6.44 2.57
N GLY A 53 -3.31 5.33 1.93
CA GLY A 53 -2.78 4.02 2.30
C GLY A 53 -1.27 3.98 2.22
N GLN A 54 -0.73 4.54 1.14
CA GLN A 54 0.71 4.61 0.92
C GLN A 54 1.38 5.41 2.03
N TYR A 55 0.79 6.55 2.38
CA TYR A 55 1.30 7.42 3.44
C TYR A 55 1.49 6.66 4.73
N ILE A 56 0.43 5.99 5.17
CA ILE A 56 0.41 5.26 6.43
C ILE A 56 1.51 4.19 6.45
N ALA A 57 1.67 3.46 5.36
CA ALA A 57 2.73 2.46 5.25
C ALA A 57 4.12 3.10 5.26
N THR A 58 4.29 4.18 4.50
CA THR A 58 5.57 4.89 4.44
C THR A 58 6.01 5.43 5.82
N LYS A 59 5.04 5.88 6.60
CA LYS A 59 5.32 6.45 7.92
C LYS A 59 5.33 5.37 9.03
N ARG A 60 5.04 4.12 8.66
CA ARG A 60 5.04 3.00 9.60
C ARG A 60 4.13 3.25 10.80
N LEU A 61 2.91 3.71 10.54
CA LEU A 61 1.97 4.06 11.61
C LEU A 61 1.08 2.89 12.03
N TYR A 62 1.14 1.78 11.31
CA TYR A 62 0.36 0.58 11.64
C TYR A 62 1.08 -0.28 12.68
N ASP A 63 0.30 -0.90 13.57
CA ASP A 63 0.85 -1.86 14.52
C ASP A 63 1.30 -3.11 13.77
N GLU A 64 2.56 -3.51 13.96
CA GLU A 64 3.10 -4.69 13.25
C GLU A 64 2.38 -6.00 13.59
N LYS A 65 1.93 -6.14 14.84
CA LYS A 65 1.32 -7.39 15.31
C LYS A 65 -0.14 -7.49 14.87
N GLN A 66 -0.87 -6.39 14.97
CA GLN A 66 -2.27 -6.32 14.55
C GLN A 66 -2.43 -5.13 13.61
N GLN A 67 -2.28 -5.40 12.32
CA GLN A 67 -2.00 -4.36 11.33
C GLN A 67 -3.22 -3.53 10.91
N HIS A 68 -4.38 -3.79 11.51
CA HIS A 68 -5.54 -2.91 11.35
C HIS A 68 -5.45 -1.66 12.23
N ILE A 69 -4.56 -1.68 13.24
CA ILE A 69 -4.44 -0.56 14.15
C ILE A 69 -3.48 0.48 13.59
N VAL A 70 -3.96 1.72 13.48
CA VAL A 70 -3.14 2.85 13.04
C VAL A 70 -3.04 3.86 14.18
N TYR A 71 -1.82 4.23 14.54
CA TYR A 71 -1.58 5.27 15.55
C TYR A 71 -1.21 6.58 14.85
N CYS A 72 -1.78 7.70 15.27
CA CYS A 72 -1.53 8.97 14.58
C CYS A 72 -1.56 10.25 15.45
N SER A 73 -1.49 10.10 16.77
CA SER A 73 -1.59 11.24 17.70
C SER A 73 -0.49 12.30 17.48
N ASN A 74 0.70 11.85 17.12
CA ASN A 74 1.83 12.75 16.88
C ASN A 74 2.15 12.88 15.39
N ASP A 75 1.12 12.75 14.55
CA ASP A 75 1.29 12.80 13.11
C ASP A 75 0.25 13.71 12.48
N LEU A 76 0.62 14.31 11.35
CA LEU A 76 -0.29 15.11 10.53
C LEU A 76 -1.64 14.42 10.28
N LEU A 77 -1.62 13.10 10.12
CA LEU A 77 -2.85 12.34 9.91
C LEU A 77 -3.82 12.48 11.09
N GLY A 78 -3.29 12.45 12.31
CA GLY A 78 -4.10 12.65 13.51
C GLY A 78 -4.72 14.03 13.57
N ASP A 79 -3.98 15.04 13.12
CA ASP A 79 -4.48 16.42 13.09
C ASP A 79 -5.70 16.54 12.19
N LEU A 80 -5.61 16.03 10.96
CA LEU A 80 -6.68 16.21 9.98
C LEU A 80 -7.86 15.25 10.21
N PHE A 81 -7.59 14.03 10.65
CA PHE A 81 -8.66 13.10 11.04
C PHE A 81 -9.31 13.51 12.36
N GLY A 82 -8.55 14.15 13.23
CA GLY A 82 -9.05 14.58 14.53
C GLY A 82 -9.13 13.46 15.56
N VAL A 83 -8.31 12.42 15.38
CA VAL A 83 -8.29 11.29 16.31
C VAL A 83 -6.85 10.84 16.58
N PRO A 84 -6.59 10.28 17.77
CA PRO A 84 -5.26 9.78 18.14
C PRO A 84 -4.91 8.42 17.53
N SER A 85 -5.93 7.62 17.24
CA SER A 85 -5.75 6.34 16.58
C SER A 85 -7.06 5.91 15.92
N PHE A 86 -6.98 4.88 15.09
CA PHE A 86 -8.18 4.27 14.52
C PHE A 86 -7.89 2.85 14.03
N SER A 87 -8.96 2.11 13.75
CA SER A 87 -8.85 0.81 13.13
C SER A 87 -9.26 0.90 11.67
N VAL A 88 -8.48 0.25 10.80
CA VAL A 88 -8.79 0.19 9.37
C VAL A 88 -10.11 -0.55 9.12
N LYS A 89 -10.51 -1.40 10.07
CA LYS A 89 -11.81 -2.09 10.00
C LYS A 89 -13.02 -1.16 10.12
N GLU A 90 -12.82 0.05 10.66
CA GLU A 90 -13.91 1.02 10.83
C GLU A 90 -14.16 1.79 9.54
N HIS A 91 -14.71 1.09 8.54
CA HIS A 91 -14.85 1.65 7.19
C HIS A 91 -15.66 2.96 7.19
N ARG A 92 -16.87 2.93 7.75
CA ARG A 92 -17.74 4.12 7.80
CA ARG A 92 -17.74 4.12 7.79
C ARG A 92 -17.04 5.32 8.42
N LYS A 93 -16.39 5.08 9.56
CA LYS A 93 -15.70 6.14 10.29
C LYS A 93 -14.59 6.78 9.45
N ILE A 94 -13.82 5.94 8.75
CA ILE A 94 -12.72 6.45 7.92
C ILE A 94 -13.26 7.27 6.75
N TYR A 95 -14.28 6.76 6.06
CA TYR A 95 -14.91 7.50 4.96
C TYR A 95 -15.38 8.87 5.45
N THR A 96 -16.06 8.89 6.60
CA THR A 96 -16.54 10.13 7.20
C THR A 96 -15.39 11.10 7.43
N MET A 97 -14.30 10.61 8.02
CA MET A 97 -13.14 11.46 8.30
C MET A 97 -12.49 11.97 7.01
N ILE A 98 -12.41 11.12 5.99
CA ILE A 98 -11.86 11.53 4.69
C ILE A 98 -12.73 12.60 4.02
N TYR A 99 -14.05 12.37 3.97
CA TYR A 99 -14.97 13.33 3.35
C TYR A 99 -15.01 14.70 4.05
N ARG A 100 -14.73 14.73 5.35
CA ARG A 100 -14.58 16.00 6.08
C ARG A 100 -13.40 16.84 5.59
N ASN A 101 -12.41 16.18 4.99
CA ASN A 101 -11.18 16.84 4.55
C ASN A 101 -11.07 17.04 3.04
N LEU A 102 -12.21 17.08 2.36
CA LEU A 102 -12.25 17.37 0.93
C LEU A 102 -13.59 17.95 0.53
N VAL A 103 -13.63 18.55 -0.65
CA VAL A 103 -14.89 19.00 -1.23
C VAL A 103 -15.12 18.20 -2.51
N VAL A 104 -16.32 17.65 -2.64
CA VAL A 104 -16.69 16.91 -3.85
C VAL A 104 -16.95 17.93 -4.95
N VAL A 105 -16.32 17.71 -6.09
CA VAL A 105 -16.41 18.64 -7.20
C VAL A 105 -17.88 18.77 -7.64
N ASN A 106 -18.32 20.02 -7.82
CA ASN A 106 -19.71 20.34 -8.21
C ASN A 106 -20.80 20.04 -7.17
N GLN A 107 -20.43 19.76 -5.92
CA GLN A 107 -21.43 19.54 -4.88
C GLN A 107 -22.08 20.86 -4.48
N GLN B 13 -2.63 -7.69 -14.59
CA GLN B 13 -2.56 -8.28 -13.22
C GLN B 13 -2.21 -9.76 -13.25
N ILE B 14 -1.62 -10.26 -12.16
CA ILE B 14 -1.42 -11.70 -12.00
C ILE B 14 -2.80 -12.33 -11.86
N PRO B 15 -3.09 -13.38 -12.66
CA PRO B 15 -4.41 -14.02 -12.60
C PRO B 15 -4.81 -14.51 -11.22
N ALA B 16 -6.10 -14.51 -10.93
CA ALA B 16 -6.62 -14.95 -9.63
C ALA B 16 -6.13 -16.36 -9.27
N SER B 17 -6.24 -17.27 -10.23
CA SER B 17 -5.79 -18.66 -10.04
C SER B 17 -4.31 -18.78 -9.70
N GLU B 18 -3.48 -17.89 -10.23
CA GLU B 18 -2.04 -17.89 -9.92
C GLU B 18 -1.73 -17.27 -8.56
N GLN B 19 -2.70 -16.57 -7.97
CA GLN B 19 -2.53 -15.94 -6.66
C GLN B 19 -3.04 -16.77 -5.49
N GLU B 20 -3.86 -17.78 -5.78
CA GLU B 20 -4.38 -18.66 -4.74
C GLU B 20 -3.40 -19.80 -4.40
N THR B 21 -2.32 -19.91 -5.17
CA THR B 21 -1.30 -20.95 -4.97
C THR B 21 -0.64 -20.83 -3.59
N LEU B 22 -0.65 -21.91 -2.83
CA LEU B 22 -0.02 -21.95 -1.51
C LEU B 22 1.49 -22.10 -1.67
N VAL B 23 2.25 -21.20 -1.06
CA VAL B 23 3.70 -21.16 -1.26
C VAL B 23 4.47 -20.99 0.04
N ARG B 24 5.73 -21.42 0.00
CA ARG B 24 6.63 -21.33 1.13
C ARG B 24 7.80 -20.45 0.70
N PRO B 25 7.89 -19.21 1.23
CA PRO B 25 9.00 -18.35 0.86
C PRO B 25 10.36 -18.88 1.32
N LYS B 26 11.37 -18.69 0.49
CA LYS B 26 12.74 -19.10 0.83
C LYS B 26 13.30 -18.16 1.91
N PRO B 27 14.39 -18.56 2.60
CA PRO B 27 14.85 -17.81 3.77
C PRO B 27 14.92 -16.29 3.60
N LEU B 28 15.50 -15.82 2.50
CA LEU B 28 15.73 -14.40 2.32
C LEU B 28 14.42 -13.63 2.16
N LEU B 29 13.52 -14.15 1.33
CA LEU B 29 12.20 -13.54 1.17
C LEU B 29 11.41 -13.64 2.47
N LEU B 30 11.51 -14.78 3.15
CA LEU B 30 10.83 -14.97 4.43
C LEU B 30 11.28 -13.91 5.44
N LYS B 31 12.58 -13.65 5.49
CA LYS B 31 13.14 -12.59 6.32
C LYS B 31 12.54 -11.24 5.98
N LEU B 32 12.43 -10.94 4.69
CA LEU B 32 11.86 -9.69 4.21
C LEU B 32 10.41 -9.54 4.69
N LEU B 33 9.60 -10.56 4.45
CA LEU B 33 8.19 -10.53 4.82
C LEU B 33 8.00 -10.35 6.33
N LYS B 34 8.78 -11.10 7.11
CA LYS B 34 8.68 -11.01 8.57
C LYS B 34 9.17 -9.65 9.11
N SER B 35 10.05 -8.98 8.36
CA SER B 35 10.52 -7.64 8.75
C SER B 35 9.41 -6.58 8.74
N VAL B 36 8.32 -6.83 8.01
CA VAL B 36 7.13 -5.97 8.09
C VAL B 36 5.92 -6.66 8.75
N GLY B 37 6.22 -7.58 9.67
CA GLY B 37 5.20 -8.17 10.54
C GLY B 37 4.48 -9.40 10.03
N ALA B 38 4.92 -9.96 8.91
CA ALA B 38 4.37 -11.23 8.44
C ALA B 38 4.70 -12.31 9.47
N GLN B 39 3.74 -13.18 9.75
CA GLN B 39 3.80 -14.08 10.90
C GLN B 39 4.19 -15.52 10.54
N LYS B 40 3.71 -16.00 9.40
CA LYS B 40 3.70 -17.44 9.10
C LYS B 40 4.86 -17.86 8.21
N ASP B 41 4.94 -19.15 7.95
CA ASP B 41 5.91 -19.72 7.02
C ASP B 41 5.29 -20.06 5.66
N THR B 42 3.97 -20.19 5.59
CA THR B 42 3.29 -20.45 4.33
C THR B 42 2.25 -19.38 4.04
N TYR B 43 2.13 -19.03 2.76
CA TYR B 43 1.26 -17.96 2.30
C TYR B 43 0.63 -18.33 0.97
N THR B 44 -0.49 -17.71 0.66
CA THR B 44 -0.98 -17.68 -0.72
C THR B 44 -0.09 -16.69 -1.46
N MET B 45 0.03 -16.85 -2.76
CA MET B 45 0.77 -15.89 -3.58
C MET B 45 0.19 -14.49 -3.39
N LYS B 46 -1.13 -14.39 -3.24
CA LYS B 46 -1.78 -13.09 -3.00
C LYS B 46 -1.21 -12.42 -1.76
N GLU B 47 -1.10 -13.17 -0.67
CA GLU B 47 -0.57 -12.64 0.58
C GLU B 47 0.88 -12.18 0.43
N VAL B 48 1.67 -12.93 -0.32
CA VAL B 48 3.06 -12.55 -0.60
C VAL B 48 3.08 -11.19 -1.30
N LEU B 49 2.20 -11.02 -2.28
CA LEU B 49 2.09 -9.77 -3.02
C LEU B 49 1.62 -8.60 -2.15
N PHE B 50 0.69 -8.86 -1.22
CA PHE B 50 0.28 -7.84 -0.25
C PHE B 50 1.48 -7.37 0.59
N TYR B 51 2.17 -8.31 1.22
CA TYR B 51 3.27 -7.96 2.13
C TYR B 51 4.49 -7.37 1.41
N LEU B 52 4.75 -7.82 0.19
CA LEU B 52 5.85 -7.28 -0.60
C LEU B 52 5.58 -5.82 -1.02
N GLY B 53 4.36 -5.55 -1.45
CA GLY B 53 3.97 -4.18 -1.77
C GLY B 53 4.08 -3.28 -0.55
N GLN B 54 3.55 -3.77 0.56
CA GLN B 54 3.69 -3.09 1.85
C GLN B 54 5.15 -2.82 2.20
N TYR B 55 6.00 -3.83 2.03
CA TYR B 55 7.44 -3.71 2.32
C TYR B 55 8.06 -2.54 1.56
N ILE B 56 7.83 -2.52 0.25
CA ILE B 56 8.39 -1.48 -0.63
C ILE B 56 7.93 -0.07 -0.20
N ALA B 57 6.65 0.07 0.13
CA ALA B 57 6.12 1.34 0.61
C ALA B 57 6.75 1.73 1.95
N THR B 58 6.87 0.75 2.84
CA THR B 58 7.39 0.97 4.18
C THR B 58 8.86 1.41 4.17
N LYS B 59 9.67 0.81 3.30
CA LYS B 59 11.07 1.21 3.16
C LYS B 59 11.25 2.39 2.17
N ARG B 60 10.15 2.88 1.59
CA ARG B 60 10.17 4.04 0.70
C ARG B 60 11.15 3.86 -0.47
N LEU B 61 11.10 2.68 -1.09
CA LEU B 61 12.02 2.35 -2.19
C LEU B 61 11.53 2.85 -3.55
N TYR B 62 10.25 3.23 -3.62
CA TYR B 62 9.69 3.80 -4.86
C TYR B 62 10.23 5.20 -5.10
N ASP B 63 10.46 5.53 -6.38
CA ASP B 63 10.88 6.88 -6.77
C ASP B 63 9.73 7.85 -6.56
N GLU B 64 10.03 9.01 -5.98
CA GLU B 64 9.00 9.99 -5.64
C GLU B 64 8.25 10.51 -6.87
N LYS B 65 8.98 10.74 -7.96
CA LYS B 65 8.42 11.34 -9.17
C LYS B 65 7.75 10.30 -10.07
N GLN B 66 8.45 9.19 -10.31
CA GLN B 66 7.96 8.13 -11.16
C GLN B 66 7.81 6.87 -10.30
N GLN B 67 6.63 6.75 -9.68
CA GLN B 67 6.47 5.85 -8.54
C GLN B 67 6.40 4.37 -8.89
N HIS B 68 6.39 4.04 -10.18
CA HIS B 68 6.56 2.66 -10.63
C HIS B 68 8.01 2.16 -10.54
N ILE B 69 8.96 3.08 -10.40
CA ILE B 69 10.38 2.70 -10.32
C ILE B 69 10.74 2.39 -8.87
N VAL B 70 11.26 1.19 -8.64
CA VAL B 70 11.65 0.73 -7.31
C VAL B 70 13.16 0.60 -7.27
N TYR B 71 13.80 1.36 -6.38
CA TYR B 71 15.25 1.33 -6.21
C TYR B 71 15.60 0.45 -5.02
N CYS B 72 16.30 -0.66 -5.28
CA CYS B 72 16.61 -1.63 -4.23
C CYS B 72 18.09 -2.02 -4.12
N SER B 73 18.99 -1.24 -4.73
CA SER B 73 20.42 -1.55 -4.69
C SER B 73 21.04 -1.47 -3.29
N ASN B 74 20.42 -0.70 -2.40
CA ASN B 74 20.87 -0.62 -1.01
C ASN B 74 19.91 -1.30 -0.03
N ASP B 75 19.18 -2.30 -0.52
CA ASP B 75 18.16 -2.97 0.28
C ASP B 75 18.24 -4.49 0.10
N LEU B 76 17.80 -5.20 1.14
CA LEU B 76 17.62 -6.65 1.09
C LEU B 76 16.92 -7.11 -0.19
N LEU B 77 15.92 -6.35 -0.64
CA LEU B 77 15.17 -6.69 -1.85
C LEU B 77 16.03 -6.78 -3.10
N GLY B 78 17.06 -5.93 -3.20
CA GLY B 78 17.98 -5.97 -4.33
C GLY B 78 18.85 -7.21 -4.34
N ASP B 79 19.23 -7.68 -3.15
CA ASP B 79 19.97 -8.93 -3.01
C ASP B 79 19.07 -10.11 -3.40
N LEU B 80 17.80 -10.01 -2.99
CA LEU B 80 16.80 -11.03 -3.25
C LEU B 80 16.50 -11.19 -4.75
N PHE B 81 16.24 -10.08 -5.42
CA PHE B 81 15.93 -10.08 -6.86
C PHE B 81 17.17 -10.05 -7.75
N GLY B 82 18.31 -9.62 -7.21
CA GLY B 82 19.55 -9.56 -7.97
C GLY B 82 19.57 -8.48 -9.05
N VAL B 83 18.87 -7.38 -8.79
CA VAL B 83 18.81 -6.23 -9.70
C VAL B 83 18.96 -4.94 -8.89
N PRO B 84 19.55 -3.89 -9.49
CA PRO B 84 19.66 -2.60 -8.81
C PRO B 84 18.33 -1.87 -8.70
N SER B 85 17.46 -2.10 -9.67
CA SER B 85 16.12 -1.52 -9.67
C SER B 85 15.20 -2.29 -10.60
N PHE B 86 13.91 -2.04 -10.48
CA PHE B 86 12.94 -2.58 -11.43
C PHE B 86 11.70 -1.68 -11.49
N SER B 87 10.91 -1.86 -12.55
CA SER B 87 9.66 -1.13 -12.72
C SER B 87 8.48 -2.03 -12.38
N VAL B 88 7.52 -1.49 -11.64
CA VAL B 88 6.30 -2.22 -11.28
C VAL B 88 5.48 -2.57 -12.52
N LYS B 89 5.66 -1.82 -13.61
CA LYS B 89 4.99 -2.11 -14.89
C LYS B 89 5.45 -3.43 -15.53
N GLU B 90 6.63 -3.90 -15.16
CA GLU B 90 7.19 -5.14 -15.71
C GLU B 90 6.59 -6.35 -14.99
N HIS B 91 5.30 -6.60 -15.23
CA HIS B 91 4.56 -7.62 -14.49
C HIS B 91 5.20 -9.01 -14.60
N ARG B 92 5.65 -9.37 -15.79
CA ARG B 92 6.22 -10.70 -16.02
C ARG B 92 7.52 -10.88 -15.23
N LYS B 93 8.37 -9.85 -15.23
CA LYS B 93 9.65 -9.93 -14.53
C LYS B 93 9.46 -10.06 -13.04
N ILE B 94 8.50 -9.32 -12.48
CA ILE B 94 8.23 -9.37 -11.04
C ILE B 94 7.70 -10.75 -10.64
N TYR B 95 6.77 -11.27 -11.43
CA TYR B 95 6.25 -12.63 -11.27
C TYR B 95 7.40 -13.63 -11.21
N THR B 96 8.32 -13.53 -12.16
CA THR B 96 9.47 -14.42 -12.26
C THR B 96 10.42 -14.26 -11.07
N MET B 97 10.74 -13.02 -10.74
CA MET B 97 11.65 -12.72 -9.64
C MET B 97 11.10 -13.19 -8.30
N ILE B 98 9.80 -12.98 -8.08
CA ILE B 98 9.14 -13.48 -6.87
C ILE B 98 9.21 -15.01 -6.80
N TYR B 99 8.89 -15.67 -7.92
CA TYR B 99 8.84 -17.14 -7.94
C TYR B 99 10.17 -17.85 -7.71
N ARG B 100 11.28 -17.21 -8.07
CA ARG B 100 12.60 -17.73 -7.75
C ARG B 100 12.83 -17.86 -6.24
N ASN B 101 12.10 -17.07 -5.46
CA ASN B 101 12.20 -17.06 -4.01
C ASN B 101 11.03 -17.75 -3.31
N LEU B 102 10.34 -18.64 -4.02
CA LEU B 102 9.23 -19.40 -3.47
C LEU B 102 9.37 -20.88 -3.81
N VAL B 103 8.80 -21.73 -2.95
CA VAL B 103 8.56 -23.13 -3.31
C VAL B 103 7.08 -23.45 -3.06
N VAL B 104 6.45 -24.12 -4.03
CA VAL B 104 5.03 -24.43 -3.97
C VAL B 104 4.81 -25.57 -2.97
N VAL B 105 3.74 -25.48 -2.19
CA VAL B 105 3.43 -26.48 -1.18
C VAL B 105 2.78 -27.70 -1.83
C ACE C 1 -2.10 -11.46 9.11
O ACE C 1 -1.22 -11.43 8.25
CH3 ACE C 1 -1.92 -12.26 10.38
N THR C 2 -3.24 -10.80 8.98
CA THR C 2 -3.54 -10.00 7.80
C THR C 2 -2.70 -8.74 7.71
N SER C 3 -2.15 -8.46 6.60
CA SER C 3 -1.33 -7.27 6.44
C SER C 3 -2.14 -5.97 6.47
N PHE C 4 -1.49 -4.87 6.86
CA PHE C 4 -2.10 -3.54 6.73
C PHE C 4 -2.50 -3.29 5.28
O 0EH C 5 -4.21 -3.64 1.94
C 0EH C 5 -3.30 -4.29 2.53
CA 0EH C 5 -1.98 -3.57 2.77
CAA 0EH C 5 -0.86 -4.36 2.06
CAB 0EH C 5 -2.16 -2.15 2.24
N 0EH C 5 -1.73 -3.57 4.21
CAO 0EH C 5 -0.94 -1.22 2.10
CAP 0EH C 5 -1.36 0.09 1.42
CAQ 0EH C 5 -2.60 -0.11 0.54
CAR 0EH C 5 -2.89 0.98 -0.46
CAS 0EH C 5 -3.67 0.38 -1.63
CAT 0EH C 5 -5.16 0.28 -1.41
N GLU C 6 -3.67 -5.49 3.01
CA GLU C 6 -4.98 -6.17 2.78
C GLU C 6 -6.13 -5.45 3.46
N TYR C 7 -5.95 -5.04 4.71
CA TYR C 7 -6.99 -4.31 5.43
C TYR C 7 -7.38 -3.04 4.66
N TRP C 8 -6.38 -2.26 4.23
CA TRP C 8 -6.63 -1.03 3.50
C TRP C 8 -7.24 -1.33 2.13
N TYR C 9 -6.75 -2.39 1.49
CA TYR C 9 -7.32 -2.90 0.24
C TYR C 9 -8.81 -3.22 0.39
N LEU C 10 -9.18 -3.85 1.50
CA LEU C 10 -10.58 -4.18 1.77
C LEU C 10 -11.38 -2.92 2.07
N LEU C 11 -10.75 -1.95 2.72
CA LEU C 11 -11.34 -0.62 2.89
C LEU C 11 -11.57 0.08 1.53
C MK8 C 12 -12.07 0.14 -1.49
N MK8 C 12 -10.74 0.18 0.55
O MK8 C 12 -12.80 0.89 -2.19
CA MK8 C 12 -10.85 0.73 -0.81
CB MK8 C 12 -9.69 0.30 -1.69
CD MK8 C 12 -7.46 0.91 -2.47
CE MK8 C 12 -5.95 0.83 -2.34
CG MK8 C 12 -8.29 0.65 -1.21
CB1 MK8 C 12 -10.97 2.24 -0.74
N NH2 C 13 -12.37 -1.23 -1.34
C ACE D 1 0.61 9.99 -10.30
O ACE D 1 0.06 10.11 -9.21
CH3 ACE D 1 1.19 11.17 -11.02
N THR D 2 0.72 8.81 -10.90
CA THR D 2 0.20 7.58 -10.31
C THR D 2 1.00 7.14 -9.10
N SER D 3 0.36 6.79 -8.06
CA SER D 3 1.05 6.37 -6.84
C SER D 3 1.67 4.99 -6.97
N PHE D 4 2.74 4.73 -6.23
CA PHE D 4 3.29 3.39 -6.13
C PHE D 4 2.20 2.41 -5.68
O 0EH D 5 -0.95 0.35 -5.71
C 0EH D 5 -0.75 1.58 -5.49
CA 0EH D 5 0.08 1.93 -4.26
CAA 0EH D 5 -0.73 2.85 -3.37
CAB 0EH D 5 0.47 0.63 -3.54
N 0EH D 5 1.28 2.64 -4.72
CAO 0EH D 5 1.09 0.83 -2.16
CAP 0EH D 5 1.53 -0.45 -1.44
CAQ 0EH D 5 1.22 -1.77 -2.13
CAR 0EH D 5 -0.26 -2.10 -2.25
CAS 0EH D 5 -0.54 -3.53 -1.82
CAT 0EH D 5 -1.86 -4.04 -2.40
N GLU D 6 -1.09 2.46 -6.46
CA GLU D 6 -1.91 2.07 -7.64
C GLU D 6 -1.16 1.14 -8.58
N TYR D 7 0.11 1.43 -8.86
CA TYR D 7 0.91 0.54 -9.71
C TYR D 7 0.94 -0.88 -9.18
N TRP D 8 1.21 -1.05 -7.89
CA TRP D 8 1.27 -2.38 -7.29
C TRP D 8 -0.12 -3.02 -7.26
N TYR D 9 -1.14 -2.20 -7.00
CA TYR D 9 -2.54 -2.62 -7.06
C TYR D 9 -2.90 -3.17 -8.45
N LEU D 10 -2.36 -2.54 -9.49
CA LEU D 10 -2.57 -2.99 -10.86
C LEU D 10 -1.79 -4.26 -11.18
N LEU D 11 -0.66 -4.47 -10.50
CA LEU D 11 0.02 -5.77 -10.50
C LEU D 11 -0.80 -6.80 -9.70
C MK8 D 12 -3.43 -7.84 -8.51
N MK8 D 12 -1.28 -6.71 -8.51
O MK8 D 12 -3.90 -8.99 -8.47
CA MK8 D 12 -2.19 -7.53 -7.72
CB MK8 D 12 -2.72 -6.81 -6.48
CD MK8 D 12 -2.59 -6.11 -4.13
CE MK8 D 12 -1.91 -5.08 -3.25
CG MK8 D 12 -1.76 -6.56 -5.32
CB1 MK8 D 12 -1.48 -8.84 -7.35
N NH2 D 13 -4.07 -6.80 -9.25
#